data_6P1Y
#
_entry.id   6P1Y
#
_cell.length_a   73.011
_cell.length_b   73.011
_cell.length_c   109.530
_cell.angle_alpha   90.000
_cell.angle_beta   90.000
_cell.angle_gamma   90.000
#
_symmetry.space_group_name_H-M   'I 4 2 2'
#
loop_
_entity.id
_entity.type
_entity.pdbx_description
1 polymer 'Aspartate 1-decarboxylase beta chain'
2 polymer 'Aspartate 1-decarboxylase alpha chain'
3 non-polymer 'AMMONIUM ION'
4 non-polymer 'L(+)-TARTARIC ACID'
5 water water
#
loop_
_entity_poly.entity_id
_entity_poly.type
_entity_poly.pdbx_seq_one_letter_code
_entity_poly.pdbx_strand_id
1 'polypeptide(L)' MLRTMLKSKIHRATVTCADLHYVG A
2 'polypeptide(L)'
;(PYR)VTIDADLMDAADLLEGEQVTIVDIDNGARLVTYAITGERGSGVIGINGAAAHLVHPGDLVILIAYATMDDARART
YQPRIVFVDAYNKPIDIGHDPAFVPENAGELLDPRLGVGLEHHHHHH
;
B
#
loop_
_chem_comp.id
_chem_comp.type
_chem_comp.name
_chem_comp.formula
NH4 non-polymer 'AMMONIUM ION' 'H4 N 1'
PYR non-polymer 'PYRUVIC ACID' 'C3 H4 O3'
TLA non-polymer 'L(+)-TARTARIC ACID' 'C4 H6 O6'
#
# COMPACT_ATOMS: atom_id res chain seq x y z
N MET A 1 -5.12 6.19 26.60
CA MET A 1 -4.14 6.75 25.68
C MET A 1 -4.06 5.93 24.40
N LEU A 2 -3.92 6.62 23.28
CA LEU A 2 -3.95 6.00 21.96
C LEU A 2 -2.57 6.03 21.33
N ARG A 3 -2.15 4.90 20.76
CA ARG A 3 -0.94 4.85 19.95
C ARG A 3 -1.32 4.73 18.49
N THR A 4 -0.43 5.22 17.62
CA THR A 4 -0.56 5.03 16.18
C THR A 4 0.38 3.91 15.76
N MET A 5 -0.20 2.83 15.20
CA MET A 5 0.50 1.60 14.89
C MET A 5 0.32 1.23 13.42
N LEU A 6 1.40 0.74 12.81
CA LEU A 6 1.32 0.16 11.49
C LEU A 6 0.31 -0.98 11.46
N LYS A 7 -0.57 -0.98 10.46
CA LYS A 7 -1.57 -2.04 10.34
C LYS A 7 -1.58 -2.73 8.99
N SER A 8 -1.08 -2.09 7.93
CA SER A 8 -1.04 -2.67 6.59
C SER A 8 0.24 -2.25 5.89
N LYS A 9 0.83 -3.21 5.17
CA LYS A 9 2.00 -2.97 4.34
C LYS A 9 1.91 -3.83 3.10
N ILE A 10 2.04 -3.20 1.93
CA ILE A 10 2.22 -3.88 0.64
C ILE A 10 3.59 -3.44 0.16
N HIS A 11 4.57 -4.36 0.07
CA HIS A 11 5.88 -3.81 -0.28
C HIS A 11 6.58 -4.44 -1.46
N ARG A 12 7.38 -3.53 -2.05
CA ARG A 12 7.98 -3.50 -3.37
C ARG A 12 6.96 -3.86 -4.46
N ALA A 13 5.90 -3.08 -4.47
CA ALA A 13 4.92 -3.08 -5.55
C ALA A 13 5.38 -2.18 -6.68
N THR A 14 5.06 -2.60 -7.89
CA THR A 14 5.45 -1.89 -9.11
C THR A 14 4.28 -1.04 -9.58
N VAL A 15 4.51 0.26 -9.73
CA VAL A 15 3.49 1.17 -10.25
C VAL A 15 3.20 0.81 -11.71
N THR A 16 1.94 0.49 -12.01
CA THR A 16 1.55 0.10 -13.34
C THR A 16 1.15 1.29 -14.22
N CYS A 17 0.65 2.37 -13.64
CA CYS A 17 0.36 3.58 -14.40
C CYS A 17 0.36 4.78 -13.46
N ALA A 18 0.66 5.94 -14.04
CA ALA A 18 0.83 7.16 -13.26
C ALA A 18 0.61 8.34 -14.20
N ASP A 19 -0.53 8.98 -14.13
CA ASP A 19 -0.78 10.07 -15.01
C ASP A 19 -1.62 11.14 -14.38
N LEU A 20 -1.27 12.38 -14.64
CA LEU A 20 -1.97 13.53 -14.12
C LEU A 20 -3.46 13.66 -14.39
N HIS A 21 -3.92 13.12 -15.50
CA HIS A 21 -5.32 13.24 -15.83
C HIS A 21 -6.20 12.07 -15.49
N TYR A 22 -5.65 10.99 -14.97
CA TYR A 22 -6.49 9.87 -14.59
C TYR A 22 -7.06 10.21 -13.22
N VAL A 23 -8.31 9.89 -12.97
CA VAL A 23 -8.91 10.22 -11.68
C VAL A 23 -8.86 9.13 -10.65
N GLY A 24 -8.98 7.89 -11.10
CA GLY A 24 -8.98 6.76 -10.22
C GLY A 24 -9.22 5.49 -10.98
C PYR B 1 -4.64 7.34 -6.00
O PYR B 1 -3.78 7.43 -6.81
CA PYR B 1 -5.08 8.61 -5.28
O3 PYR B 1 -4.27 9.42 -5.03
CB PYR B 1 -6.52 8.84 -4.88
N VAL B 2 -4.60 6.44 -4.88
CA VAL B 2 -3.94 5.27 -5.47
C VAL B 2 -4.94 4.14 -5.68
N THR B 3 -4.95 3.63 -6.90
CA THR B 3 -5.82 2.55 -7.32
C THR B 3 -5.09 1.24 -7.11
N ILE B 4 -5.64 0.38 -6.25
CA ILE B 4 -5.00 -0.86 -5.84
C ILE B 4 -5.89 -2.04 -6.20
N ASP B 5 -5.31 -3.05 -6.83
CA ASP B 5 -5.96 -4.34 -7.07
C ASP B 5 -6.73 -4.78 -5.82
N ALA B 6 -8.02 -5.06 -6.00
CA ALA B 6 -8.88 -5.48 -4.88
C ALA B 6 -8.28 -6.65 -4.11
N ASP B 7 -7.64 -7.59 -4.82
CA ASP B 7 -6.95 -8.71 -4.17
C ASP B 7 -5.90 -8.22 -3.21
N LEU B 8 -5.15 -7.17 -3.59
CA LEU B 8 -4.12 -6.62 -2.71
C LEU B 8 -4.73 -5.87 -1.53
N MET B 9 -5.80 -5.12 -1.77
CA MET B 9 -6.51 -4.48 -0.67
C MET B 9 -7.01 -5.48 0.36
N ASP B 10 -7.61 -6.57 -0.11
CA ASP B 10 -8.11 -7.58 0.81
C ASP B 10 -6.97 -8.23 1.57
N ALA B 11 -5.92 -8.62 0.84
CA ALA B 11 -4.76 -9.24 1.47
C ALA B 11 -4.19 -8.35 2.57
N ALA B 12 -4.18 -7.04 2.35
CA ALA B 12 -3.57 -6.09 3.29
C ALA B 12 -4.55 -5.45 4.26
N ASP B 13 -5.82 -5.85 4.24
CA ASP B 13 -6.80 -5.30 5.16
C ASP B 13 -6.97 -3.79 4.95
N LEU B 14 -7.03 -3.37 3.68
CA LEU B 14 -7.28 -1.98 3.31
C LEU B 14 -8.70 -1.83 2.83
N LEU B 15 -9.41 -0.83 3.34
CA LEU B 15 -10.75 -0.54 2.86
C LEU B 15 -10.71 0.55 1.78
N GLU B 16 -11.72 0.55 0.91
CA GLU B 16 -11.86 1.66 -0.03
C GLU B 16 -11.99 2.97 0.76
N GLY B 17 -11.19 3.96 0.36
CA GLY B 17 -11.16 5.24 1.07
C GLY B 17 -10.16 5.32 2.20
N GLU B 18 -9.52 4.23 2.59
CA GLU B 18 -8.63 4.24 3.74
C GLU B 18 -7.36 5.03 3.41
N GLN B 19 -6.94 5.86 4.35
CA GLN B 19 -5.72 6.62 4.16
C GLN B 19 -4.52 5.70 3.97
N VAL B 20 -3.61 6.10 3.09
CA VAL B 20 -2.49 5.29 2.67
C VAL B 20 -1.29 6.20 2.45
N THR B 21 -0.15 5.85 3.03
CA THR B 21 1.10 6.51 2.74
C THR B 21 1.83 5.74 1.65
N ILE B 22 2.38 6.45 0.68
CA ILE B 22 3.17 5.86 -0.39
C ILE B 22 4.59 6.36 -0.26
N VAL B 23 5.56 5.45 -0.27
CA VAL B 23 6.96 5.82 -0.36
C VAL B 23 7.56 5.11 -1.56
N ASP B 24 8.44 5.82 -2.25
CA ASP B 24 8.96 5.44 -3.54
C ASP B 24 10.41 5.04 -3.37
N ILE B 25 10.71 3.76 -3.58
CA ILE B 25 12.08 3.26 -3.44
C ILE B 25 13.02 3.95 -4.43
N ASP B 26 12.53 4.25 -5.63
CA ASP B 26 13.41 4.74 -6.69
C ASP B 26 13.83 6.18 -6.48
N ASN B 27 12.89 7.06 -6.09
CA ASN B 27 13.23 8.46 -5.95
C ASN B 27 13.08 9.01 -4.54
N GLY B 28 12.58 8.23 -3.59
CA GLY B 28 12.47 8.68 -2.22
C GLY B 28 11.28 9.54 -1.90
N ALA B 29 10.33 9.69 -2.83
CA ALA B 29 9.15 10.49 -2.53
C ALA B 29 8.29 9.80 -1.47
N ARG B 30 7.62 10.63 -0.68
CA ARG B 30 6.75 10.19 0.40
C ARG B 30 5.48 11.03 0.35
N LEU B 31 4.32 10.39 0.27
CA LEU B 31 3.10 11.17 0.23
C LEU B 31 1.96 10.39 0.88
N VAL B 32 0.89 11.11 1.18
CA VAL B 32 -0.28 10.57 1.85
C VAL B 32 -1.47 10.74 0.94
N THR B 33 -2.22 9.66 0.74
CA THR B 33 -3.43 9.68 -0.07
C THR B 33 -4.38 8.63 0.49
N TYR B 34 -5.32 8.15 -0.32
CA TYR B 34 -6.29 7.14 0.08
C TYR B 34 -6.38 6.08 -1.00
N ALA B 35 -6.90 4.91 -0.63
CA ALA B 35 -6.99 3.78 -1.54
C ALA B 35 -8.26 3.85 -2.36
N ILE B 36 -8.14 3.50 -3.64
CA ILE B 36 -9.29 3.33 -4.53
C ILE B 36 -9.24 1.90 -5.04
N THR B 37 -10.40 1.22 -5.04
CA THR B 37 -10.42 -0.20 -5.38
C THR B 37 -10.14 -0.38 -6.86
N GLY B 38 -9.12 -1.17 -7.18
CA GLY B 38 -8.80 -1.50 -8.55
C GLY B 38 -9.32 -2.86 -8.95
N GLU B 39 -9.47 -3.04 -10.26
CA GLU B 39 -9.97 -4.28 -10.84
C GLU B 39 -9.28 -5.50 -10.24
N ARG B 40 -10.08 -6.40 -9.67
CA ARG B 40 -9.58 -7.57 -8.94
C ARG B 40 -8.75 -8.48 -9.85
N GLY B 41 -7.52 -8.77 -9.42
CA GLY B 41 -6.62 -9.64 -10.16
C GLY B 41 -5.82 -8.99 -11.26
N SER B 42 -6.04 -7.71 -11.55
CA SER B 42 -5.32 -7.04 -12.62
C SER B 42 -3.88 -6.69 -12.26
N GLY B 43 -3.56 -6.66 -10.97
CA GLY B 43 -2.28 -6.16 -10.54
C GLY B 43 -2.10 -4.66 -10.61
N VAL B 44 -3.18 -3.90 -10.82
CA VAL B 44 -3.06 -2.46 -10.94
C VAL B 44 -2.52 -1.87 -9.65
N ILE B 45 -1.47 -1.06 -9.78
CA ILE B 45 -1.06 -0.06 -8.79
C ILE B 45 -1.03 1.25 -9.58
N GLY B 46 -2.12 1.96 -9.52
CA GLY B 46 -2.27 3.19 -10.25
C GLY B 46 -2.21 4.48 -9.50
N ILE B 47 -1.38 5.35 -9.98
CA ILE B 47 -1.21 6.63 -9.37
C ILE B 47 -1.95 7.65 -10.17
N ASN B 48 -2.88 8.30 -9.55
CA ASN B 48 -3.73 9.22 -10.21
C ASN B 48 -3.49 10.65 -9.74
N GLY B 49 -3.88 11.61 -10.56
CA GLY B 49 -3.78 13.01 -10.24
C GLY B 49 -2.47 13.66 -9.84
N ALA B 50 -2.53 14.44 -8.79
CA ALA B 50 -1.40 15.14 -8.31
C ALA B 50 -0.24 14.27 -7.93
N ALA B 51 -0.49 13.09 -7.43
CA ALA B 51 0.59 12.22 -6.99
C ALA B 51 1.46 11.74 -8.14
N ALA B 52 0.97 11.85 -9.38
CA ALA B 52 1.79 11.46 -10.52
C ALA B 52 2.97 12.40 -10.74
N HIS B 53 2.99 13.54 -10.06
CA HIS B 53 4.19 14.38 -10.07
C HIS B 53 5.35 13.70 -9.37
N LEU B 54 5.06 12.90 -8.36
CA LEU B 54 6.08 12.35 -7.50
C LEU B 54 6.36 10.88 -7.76
N VAL B 55 5.42 10.15 -8.34
CA VAL B 55 5.55 8.72 -8.57
C VAL B 55 5.35 8.44 -10.05
N HIS B 56 6.20 7.60 -10.62
CA HIS B 56 6.22 7.37 -12.05
C HIS B 56 6.01 5.89 -12.36
N PRO B 57 5.53 5.57 -13.57
CA PRO B 57 5.30 4.16 -13.91
C PRO B 57 6.60 3.38 -13.86
N GLY B 58 6.51 2.15 -13.33
CA GLY B 58 7.66 1.31 -13.16
C GLY B 58 8.39 1.50 -11.85
N ASP B 59 8.04 2.52 -11.07
CA ASP B 59 8.68 2.71 -9.77
C ASP B 59 8.31 1.57 -8.82
N LEU B 60 9.23 1.25 -7.91
CA LEU B 60 8.91 0.37 -6.79
C LEU B 60 8.45 1.22 -5.63
N VAL B 61 7.28 0.88 -5.08
CA VAL B 61 6.68 1.64 -4.01
C VAL B 61 6.30 0.70 -2.87
N ILE B 62 6.21 1.29 -1.67
CA ILE B 62 5.67 0.65 -0.47
C ILE B 62 4.38 1.37 -0.12
N LEU B 63 3.32 0.63 0.18
CA LEU B 63 2.05 1.20 0.61
C LEU B 63 1.81 0.86 2.07
N ILE B 64 1.48 1.88 2.87
CA ILE B 64 1.41 1.77 4.32
C ILE B 64 0.10 2.38 4.81
N ALA B 65 -0.60 1.67 5.70
CA ALA B 65 -1.70 2.26 6.47
C ALA B 65 -1.42 2.09 7.97
N TYR B 66 -1.92 3.04 8.76
CA TYR B 66 -1.78 3.05 10.22
C TYR B 66 -3.14 2.96 10.88
N ALA B 67 -3.16 2.43 12.09
CA ALA B 67 -4.35 2.44 12.93
C ALA B 67 -4.05 3.11 14.26
N THR B 68 -5.07 3.75 14.82
CA THR B 68 -4.99 4.32 16.16
C THR B 68 -5.73 3.40 17.11
N MET B 69 -5.12 3.11 18.27
CA MET B 69 -5.73 2.13 19.15
C MET B 69 -5.26 2.34 20.58
N ASP B 70 -6.04 1.78 21.48
CA ASP B 70 -5.71 1.83 22.90
C ASP B 70 -4.34 1.21 23.14
N ASP B 71 -3.64 1.75 24.14
CA ASP B 71 -2.34 1.24 24.52
C ASP B 71 -2.37 -0.27 24.77
N ALA B 72 -3.39 -0.76 25.48
CA ALA B 72 -3.45 -2.19 25.77
C ALA B 72 -3.53 -3.00 24.48
N ARG B 73 -4.36 -2.57 23.54
CA ARG B 73 -4.46 -3.28 22.27
C ARG B 73 -3.17 -3.21 21.48
N ALA B 74 -2.49 -2.04 21.49
CA ALA B 74 -1.29 -1.88 20.67
C ALA B 74 -0.19 -2.84 21.06
N ARG B 75 -0.15 -3.24 22.34
CA ARG B 75 0.89 -4.16 22.80
C ARG B 75 0.72 -5.56 22.24
N THR B 76 -0.49 -5.95 21.82
CA THR B 76 -0.71 -7.27 21.22
C THR B 76 -1.08 -7.18 19.74
N TYR B 77 -1.03 -5.99 19.15
CA TYR B 77 -1.52 -5.84 17.78
C TYR B 77 -0.57 -6.50 16.79
N GLN B 78 -1.14 -7.09 15.73
CA GLN B 78 -0.36 -7.73 14.68
C GLN B 78 -0.71 -7.10 13.33
N PRO B 79 0.25 -6.48 12.64
CA PRO B 79 -0.06 -5.88 11.34
C PRO B 79 -0.28 -6.95 10.28
N ARG B 80 -0.85 -6.51 9.16
CA ARG B 80 -1.05 -7.33 7.98
C ARG B 80 0.02 -6.91 6.96
N ILE B 81 1.02 -7.77 6.75
CA ILE B 81 2.19 -7.48 5.90
C ILE B 81 2.09 -8.35 4.63
N VAL B 82 2.02 -7.70 3.47
CA VAL B 82 1.78 -8.37 2.20
C VAL B 82 2.98 -8.16 1.29
N PHE B 83 3.68 -9.24 0.99
CA PHE B 83 4.79 -9.21 0.04
C PHE B 83 4.26 -9.62 -1.32
N VAL B 84 4.65 -8.88 -2.37
CA VAL B 84 4.14 -9.12 -3.72
C VAL B 84 5.31 -9.45 -4.64
N ASP B 85 4.96 -10.07 -5.78
CA ASP B 85 5.97 -10.42 -6.78
C ASP B 85 6.04 -9.34 -7.87
N ALA B 86 6.77 -9.64 -8.94
CA ALA B 86 7.02 -8.66 -9.99
C ALA B 86 5.74 -8.25 -10.71
N TYR B 87 4.65 -9.01 -10.56
CA TYR B 87 3.37 -8.72 -11.17
C TYR B 87 2.32 -8.26 -10.15
N ASN B 88 2.76 -7.83 -8.97
CA ASN B 88 1.89 -7.30 -7.92
C ASN B 88 0.87 -8.34 -7.46
N LYS B 89 1.23 -9.62 -7.51
CA LYS B 89 0.43 -10.70 -6.95
C LYS B 89 0.91 -11.02 -5.55
N PRO B 90 0.02 -11.19 -4.58
CA PRO B 90 0.46 -11.48 -3.20
C PRO B 90 1.04 -12.89 -3.10
N ILE B 91 2.31 -12.97 -2.68
CA ILE B 91 2.97 -14.25 -2.47
C ILE B 91 3.22 -14.58 -1.00
N ASP B 92 3.10 -13.62 -0.09
CA ASP B 92 3.29 -13.94 1.32
C ASP B 92 2.55 -12.94 2.20
N ILE B 93 1.88 -13.44 3.24
CA ILE B 93 1.18 -12.58 4.17
C ILE B 93 1.58 -12.97 5.58
N GLY B 94 2.09 -12.01 6.34
CA GLY B 94 2.55 -12.25 7.71
C GLY B 94 2.49 -11.03 8.62
N HIS B 95 3.14 -11.16 9.78
CA HIS B 95 3.13 -10.18 10.84
C HIS B 95 4.38 -9.31 10.88
N ASP B 96 5.40 -9.67 10.14
CA ASP B 96 6.71 -9.06 10.32
C ASP B 96 6.97 -8.09 9.18
N PRO B 97 7.04 -6.79 9.44
CA PRO B 97 7.26 -5.85 8.32
C PRO B 97 8.60 -6.02 7.64
N ALA B 98 9.57 -6.66 8.31
CA ALA B 98 10.89 -6.83 7.76
C ALA B 98 11.13 -8.20 7.12
N PHE B 99 10.12 -9.05 7.05
CA PHE B 99 10.31 -10.39 6.49
C PHE B 99 10.37 -10.37 4.97
N VAL B 100 11.32 -11.11 4.42
CA VAL B 100 11.43 -11.23 2.95
C VAL B 100 11.42 -12.72 2.59
N PRO B 101 10.63 -13.13 1.59
CA PRO B 101 10.44 -14.56 1.31
C PRO B 101 11.62 -15.18 0.55
N GLU B 102 11.50 -16.50 0.31
CA GLU B 102 12.57 -17.39 -0.16
C GLU B 102 13.80 -17.29 0.73
N NH4 C . -8.50 11.75 -9.06
O1 TLA D . -7.45 12.66 -4.75
O11 TLA D . -7.82 12.72 -6.91
C1 TLA D . -7.12 12.94 -5.91
C2 TLA D . -5.80 13.55 -6.10
O2 TLA D . -5.66 14.17 -7.35
C3 TLA D . -4.86 12.40 -5.97
O3 TLA D . -4.45 11.86 -7.21
C4 TLA D . -3.72 12.89 -5.17
O4 TLA D . -3.92 13.19 -4.01
O41 TLA D . -2.63 12.94 -5.66
#